data_4PKW
#
_entry.id   4PKW
#
_cell.length_a   51.427
_cell.length_b   82.420
_cell.length_c   130.550
_cell.angle_alpha   90.000
_cell.angle_beta   90.000
_cell.angle_gamma   90.000
#
_symmetry.space_group_name_H-M   'P 21 21 21'
#
loop_
_entity.id
_entity.type
_entity.pdbx_description
1 polymer 'Lethal factor'
2 non-polymer 'ZINC ION'
3 non-polymer 3-(N-HYDROXYCARBOXAMIDO)-2-ISOBUTYLPROPANOYL-TRP-METHYLAMIDE
4 non-polymer GLYCEROL
5 non-polymer 1,2-ETHANEDIOL
6 water water
#
_entity_poly.entity_id   1
_entity_poly.type   'polypeptide(L)'
_entity_poly.pdbx_seq_one_letter_code
;SNALSRYEKWEKIKQHYQHWSDSLSEEGRGLLKKLQIPIEPKKDDIIHSLSQEEKELLKRIQIDSSDFLSTEEKEFLKKL
QIDIRDSLSEEEKELLNRIQVDSSNPLSEKEKEFLKKLKLDIQPYDINQRLQDTGGLIDSPSINLDVRKQYKRDIQNIDA
LLHQSIGSTLYNKIYLYENMNINNLTATLGADLVDSTDNTKINRGIFNEFKKNFKYSISSNYMIVDINERPALDNERLKW
RIQLSPDTRAGYLENGKLILQRNIGLEIKDVQIIKQSEKEYIRIDAKVVPKSKIDTKIQEAQLNINQEWNKALGLPKYTK
LITFNVHNRYASNIVESAYLILNEWKNNIQSDLIKKVTNYLVDGNGRFVFTDITLPNIAEQYTHQDEIYEQVHSKGLYVP
ESRSILLHGPSKGVELRNDSEGFIHEFGHAVDDYAGYLLDKNQSDLVTNSKKFIDIFKEEGSNLTSYGRTNEAEFFAEAF
RLMHSTDHAERLKVQKNAPKTFQFINDQIKFIINSLVPR
;
_entity_poly.pdbx_strand_id   A
#
loop_
_chem_comp.id
_chem_comp.type
_chem_comp.name
_chem_comp.formula
EDO non-polymer 1,2-ETHANEDIOL 'C2 H6 O2'
GM6 non-polymer 3-(N-HYDROXYCARBOXAMIDO)-2-ISOBUTYLPROPANOYL-TRP-METHYLAMIDE 'C20 H28 N4 O4'
GOL non-polymer GLYCEROL 'C3 H8 O3'
ZN non-polymer 'ZINC ION' 'Zn 2'
#
# COMPACT_ATOMS: atom_id res chain seq x y z
N SER A 5 25.88 -13.23 -26.20
CA SER A 5 26.37 -13.71 -24.91
C SER A 5 26.34 -12.62 -23.85
N ARG A 6 26.48 -13.01 -22.58
CA ARG A 6 26.33 -12.10 -21.46
C ARG A 6 27.32 -10.95 -21.49
N TYR A 7 28.57 -11.26 -21.77
CA TYR A 7 29.58 -10.23 -21.61
C TYR A 7 29.63 -9.37 -22.88
N GLU A 8 29.24 -9.94 -24.02
CA GLU A 8 29.12 -9.14 -25.23
C GLU A 8 28.00 -8.11 -25.07
N LYS A 9 26.89 -8.57 -24.50
CA LYS A 9 25.74 -7.71 -24.23
C LYS A 9 26.10 -6.58 -23.26
N TRP A 10 26.80 -6.93 -22.20
CA TRP A 10 27.27 -5.98 -21.22
C TRP A 10 28.19 -4.96 -21.88
N GLU A 11 29.17 -5.45 -22.65
CA GLU A 11 30.12 -4.58 -23.35
C GLU A 11 29.40 -3.56 -24.25
N LYS A 12 28.39 -4.02 -24.98
CA LYS A 12 27.70 -3.20 -25.97
C LYS A 12 26.93 -2.09 -25.30
N ILE A 13 26.26 -2.42 -24.21
CA ILE A 13 25.45 -1.43 -23.51
C ILE A 13 26.34 -0.43 -22.78
N LYS A 14 27.39 -0.92 -22.12
CA LYS A 14 28.32 -0.02 -21.44
C LYS A 14 28.91 0.97 -22.44
N GLN A 15 29.28 0.48 -23.61
CA GLN A 15 29.85 1.34 -24.65
C GLN A 15 28.84 2.36 -25.19
N HIS A 16 27.60 1.93 -25.39
CA HIS A 16 26.52 2.81 -25.81
C HIS A 16 26.43 4.01 -24.88
N TYR A 17 26.63 3.78 -23.59
CA TYR A 17 26.49 4.81 -22.58
C TYR A 17 27.82 5.41 -22.11
N GLN A 18 28.91 5.05 -22.78
CA GLN A 18 30.23 5.48 -22.33
C GLN A 18 30.41 7.00 -22.34
N HIS A 19 29.96 7.65 -23.41
CA HIS A 19 30.05 9.12 -23.47
C HIS A 19 29.20 9.77 -22.37
N TRP A 20 28.04 9.18 -22.10
CA TRP A 20 27.16 9.66 -21.05
C TRP A 20 27.85 9.51 -19.69
N SER A 21 28.42 8.33 -19.47
CA SER A 21 29.10 8.03 -18.22
C SER A 21 30.28 8.98 -17.98
N ASP A 22 31.06 9.19 -19.02
CA ASP A 22 32.22 10.08 -18.90
C ASP A 22 31.82 11.54 -18.73
N SER A 23 30.58 11.88 -19.12
CA SER A 23 30.11 13.26 -19.06
C SER A 23 29.46 13.62 -17.73
N LEU A 24 29.34 12.63 -16.85
CA LEU A 24 28.71 12.84 -15.56
C LEU A 24 29.57 13.69 -14.63
N SER A 25 28.95 14.70 -14.04
CA SER A 25 29.60 15.52 -13.03
C SER A 25 29.77 14.70 -11.76
N GLU A 26 30.54 15.23 -10.82
CA GLU A 26 30.71 14.54 -9.54
C GLU A 26 29.40 14.56 -8.76
N GLU A 27 28.61 15.61 -8.92
CA GLU A 27 27.30 15.69 -8.28
C GLU A 27 26.34 14.66 -8.89
N GLY A 28 26.42 14.51 -10.21
CA GLY A 28 25.60 13.54 -10.92
C GLY A 28 25.93 12.13 -10.44
N ARG A 29 27.21 11.82 -10.35
CA ARG A 29 27.63 10.50 -9.90
C ARG A 29 27.23 10.28 -8.45
N GLY A 30 27.35 11.33 -7.63
CA GLY A 30 26.98 11.25 -6.23
C GLY A 30 25.49 11.01 -6.05
N LEU A 31 24.69 11.63 -6.90
CA LEU A 31 23.25 11.44 -6.82
C LEU A 31 22.85 10.01 -7.19
N LEU A 32 23.48 9.44 -8.21
CA LEU A 32 23.19 8.08 -8.61
C LEU A 32 23.59 7.07 -7.51
N LYS A 33 24.65 7.37 -6.76
CA LYS A 33 25.02 6.51 -5.64
C LYS A 33 24.01 6.63 -4.50
N LYS A 34 23.56 7.86 -4.26
CA LYS A 34 22.51 8.18 -3.29
C LYS A 34 21.23 7.41 -3.59
N LEU A 35 20.91 7.31 -4.87
CA LEU A 35 19.75 6.57 -5.32
C LEU A 35 19.87 5.07 -5.00
N GLN A 36 21.06 4.51 -5.19
CA GLN A 36 21.24 3.06 -5.03
C GLN A 36 21.26 2.62 -3.58
N ILE A 37 21.79 3.49 -2.72
CA ILE A 37 21.98 3.18 -1.31
C ILE A 37 21.42 4.30 -0.42
N PRO A 38 20.21 4.10 0.09
CA PRO A 38 19.54 5.03 1.01
C PRO A 38 20.40 5.36 2.21
N ILE A 39 20.21 6.57 2.74
CA ILE A 39 20.94 7.08 3.88
C ILE A 39 20.14 6.82 5.16
N GLU A 40 20.71 6.03 6.06
CA GLU A 40 20.02 5.64 7.28
C GLU A 40 20.13 6.75 8.33
N PRO A 41 19.11 6.87 9.19
CA PRO A 41 19.20 7.84 10.28
C PRO A 41 20.30 7.45 11.26
N LYS A 42 20.90 8.41 11.96
CA LYS A 42 21.98 8.12 12.90
C LYS A 42 21.45 8.01 14.33
N LYS A 43 21.65 6.84 14.94
CA LYS A 43 21.14 6.58 16.29
C LYS A 43 21.65 7.58 17.32
N ASP A 44 22.89 8.02 17.14
CA ASP A 44 23.51 8.98 18.06
C ASP A 44 22.70 10.26 18.17
N ASP A 45 22.37 10.84 17.02
CA ASP A 45 21.56 12.06 16.97
C ASP A 45 20.27 11.89 17.74
N ILE A 46 19.55 10.81 17.44
CA ILE A 46 18.25 10.56 18.05
C ILE A 46 18.35 10.50 19.57
N ILE A 47 19.31 9.72 20.04
CA ILE A 47 19.46 9.49 21.48
C ILE A 47 19.84 10.78 22.22
N HIS A 48 20.71 11.59 21.61
CA HIS A 48 21.10 12.84 22.25
C HIS A 48 19.92 13.80 22.34
N SER A 49 18.97 13.68 21.42
CA SER A 49 17.83 14.57 21.40
C SER A 49 16.84 14.23 22.51
N LEU A 50 16.86 12.98 22.95
CA LEU A 50 15.90 12.51 23.94
C LEU A 50 16.20 13.04 25.34
N SER A 51 15.15 13.35 26.07
CA SER A 51 15.28 13.77 27.47
C SER A 51 15.35 12.54 28.35
N GLN A 52 15.69 12.75 29.62
CA GLN A 52 15.78 11.65 30.58
C GLN A 52 14.45 10.90 30.68
N GLU A 53 13.35 11.65 30.71
CA GLU A 53 12.02 11.06 30.81
C GLU A 53 11.73 10.11 29.64
N GLU A 54 12.00 10.59 28.43
CA GLU A 54 11.73 9.81 27.23
C GLU A 54 12.67 8.62 27.09
N LYS A 55 13.93 8.81 27.49
CA LYS A 55 14.87 7.70 27.56
C LYS A 55 14.32 6.65 28.53
N GLU A 56 13.80 7.12 29.66
CA GLU A 56 13.18 6.25 30.64
C GLU A 56 11.97 5.56 30.02
N LEU A 57 11.23 6.31 29.20
CA LEU A 57 10.04 5.76 28.53
C LEU A 57 10.43 4.73 27.48
N LEU A 58 11.39 5.10 26.62
CA LEU A 58 11.81 4.23 25.53
C LEU A 58 12.44 2.94 26.05
N LYS A 59 13.12 3.04 27.19
CA LYS A 59 13.79 1.89 27.79
C LYS A 59 12.83 0.75 28.10
N ARG A 60 11.60 1.08 28.49
CA ARG A 60 10.65 0.07 28.97
C ARG A 60 9.71 -0.45 27.88
N ILE A 61 9.50 0.33 26.82
CA ILE A 61 8.54 -0.03 25.78
C ILE A 61 8.85 -1.36 25.11
N GLN A 62 7.83 -2.22 25.01
CA GLN A 62 7.95 -3.45 24.24
C GLN A 62 7.66 -3.13 22.78
N ILE A 63 8.73 -3.02 21.98
CA ILE A 63 8.61 -2.57 20.60
C ILE A 63 7.81 -3.55 19.73
N ASP A 64 8.01 -4.84 19.98
CA ASP A 64 7.30 -5.87 19.24
C ASP A 64 5.79 -5.70 19.37
N SER A 65 5.36 -5.16 20.51
CA SER A 65 3.94 -5.01 20.81
C SER A 65 3.25 -4.03 19.86
N SER A 66 4.02 -3.10 19.31
CA SER A 66 3.44 -2.07 18.44
C SER A 66 2.81 -2.69 17.20
N ASP A 67 1.63 -2.20 16.83
CA ASP A 67 0.92 -2.70 15.67
C ASP A 67 1.14 -1.79 14.46
N PHE A 68 1.65 -0.59 14.70
CA PHE A 68 1.73 0.42 13.67
C PHE A 68 3.15 0.70 13.18
N LEU A 69 4.09 -0.17 13.55
CA LEU A 69 5.47 -0.06 13.07
C LEU A 69 5.82 -1.21 12.15
N SER A 70 6.63 -0.92 11.13
CA SER A 70 7.15 -1.95 10.24
C SER A 70 8.19 -2.80 10.94
N THR A 71 8.55 -3.93 10.35
CA THR A 71 9.59 -4.77 10.92
C THR A 71 10.90 -3.98 10.99
N GLU A 72 11.18 -3.24 9.92
CA GLU A 72 12.39 -2.44 9.85
C GLU A 72 12.40 -1.29 10.86
N GLU A 73 11.26 -0.62 11.01
CA GLU A 73 11.14 0.42 12.04
C GLU A 73 11.34 -0.19 13.44
N LYS A 74 10.81 -1.38 13.66
CA LYS A 74 10.98 -2.04 14.94
C LYS A 74 12.43 -2.39 15.23
N GLU A 75 13.14 -2.88 14.22
CA GLU A 75 14.56 -3.22 14.38
C GLU A 75 15.37 -2.01 14.80
N PHE A 76 15.13 -0.88 14.14
CA PHE A 76 15.89 0.32 14.43
C PHE A 76 15.61 0.81 15.85
N LEU A 77 14.33 0.82 16.23
CA LEU A 77 13.97 1.20 17.59
C LEU A 77 14.52 0.22 18.61
N LYS A 78 14.58 -1.06 18.26
CA LYS A 78 15.22 -2.06 19.11
C LYS A 78 16.69 -1.73 19.36
N LYS A 79 17.41 -1.35 18.30
CA LYS A 79 18.81 -0.95 18.42
C LYS A 79 18.97 0.32 19.25
N LEU A 80 18.03 1.25 19.10
CA LEU A 80 18.00 2.44 19.94
C LEU A 80 17.88 2.07 21.41
N GLN A 81 16.94 1.18 21.70
CA GLN A 81 16.76 0.65 23.05
C GLN A 81 18.02 0.02 23.59
N ILE A 82 18.66 -0.79 22.77
CA ILE A 82 19.91 -1.44 23.15
C ILE A 82 20.99 -0.41 23.51
N ASP A 83 21.05 0.68 22.74
CA ASP A 83 22.05 1.70 23.02
C ASP A 83 21.72 2.54 24.27
N ILE A 84 20.45 2.61 24.62
CA ILE A 84 20.03 3.33 25.82
C ILE A 84 20.18 2.47 27.08
N ARG A 85 19.80 1.19 26.97
CA ARG A 85 19.85 0.29 28.12
C ARG A 85 21.27 0.04 28.60
N ASP A 86 22.26 0.24 27.73
CA ASP A 86 23.66 0.09 28.12
C ASP A 86 24.34 1.43 28.33
N LEU A 107 2.29 -0.35 24.92
CA LEU A 107 0.91 -0.81 24.92
C LEU A 107 -0.02 0.33 25.32
N SER A 108 0.48 1.22 26.18
CA SER A 108 -0.31 2.31 26.72
C SER A 108 -0.49 3.47 25.74
N GLU A 109 -1.46 4.34 26.02
CA GLU A 109 -1.73 5.50 25.17
C GLU A 109 -0.54 6.44 25.12
N LYS A 110 0.11 6.64 26.26
CA LYS A 110 1.25 7.55 26.34
C LYS A 110 2.44 7.01 25.54
N GLU A 111 2.56 5.69 25.49
CA GLU A 111 3.66 5.04 24.78
C GLU A 111 3.43 5.08 23.27
N LYS A 112 2.18 4.91 22.86
CA LYS A 112 1.81 4.97 21.45
C LYS A 112 2.03 6.38 20.89
N GLU A 113 1.74 7.39 21.70
CA GLU A 113 1.88 8.78 21.28
C GLU A 113 3.35 9.15 21.07
N PHE A 114 4.20 8.65 21.95
CA PHE A 114 5.63 8.90 21.87
C PHE A 114 6.23 8.24 20.63
N LEU A 115 5.81 7.01 20.35
CA LEU A 115 6.34 6.28 19.20
C LEU A 115 5.86 6.89 17.88
N LYS A 116 4.64 7.41 17.86
CA LYS A 116 4.10 8.03 16.65
C LYS A 116 4.91 9.26 16.24
N LYS A 117 5.38 10.02 17.22
CA LYS A 117 6.22 11.18 16.91
C LYS A 117 7.66 10.74 16.60
N LEU A 118 8.14 9.72 17.31
CA LEU A 118 9.52 9.27 17.11
C LEU A 118 9.70 8.60 15.76
N LYS A 119 8.65 7.94 15.27
CA LYS A 119 8.68 7.24 14.00
C LYS A 119 9.10 8.18 12.88
N LEU A 120 8.87 9.47 13.10
CA LEU A 120 9.23 10.51 12.14
C LEU A 120 10.73 10.64 11.96
N ASP A 121 11.46 10.55 13.07
CA ASP A 121 12.90 10.80 13.06
C ASP A 121 13.72 9.59 12.61
N ILE A 122 13.06 8.50 12.21
CA ILE A 122 13.80 7.28 11.90
C ILE A 122 13.65 6.79 10.47
N GLN A 123 13.19 7.68 9.59
CA GLN A 123 13.02 7.34 8.18
C GLN A 123 14.31 7.53 7.38
N PRO A 124 14.72 6.51 6.62
CA PRO A 124 15.90 6.65 5.75
C PRO A 124 15.63 7.61 4.61
N TYR A 125 16.67 8.26 4.09
CA TYR A 125 16.51 9.06 2.89
C TYR A 125 16.63 8.15 1.69
N ASP A 126 15.53 7.96 0.96
CA ASP A 126 15.41 6.86 0.00
C ASP A 126 14.56 7.36 -1.16
N ILE A 127 15.21 7.83 -2.21
CA ILE A 127 14.54 8.48 -3.33
C ILE A 127 13.56 7.54 -4.02
N ASN A 128 13.99 6.32 -4.30
CA ASN A 128 13.09 5.40 -5.00
C ASN A 128 11.89 5.03 -4.13
N GLN A 129 12.08 4.92 -2.81
CA GLN A 129 10.95 4.61 -1.93
C GLN A 129 9.98 5.79 -1.82
N ARG A 130 10.50 7.00 -1.83
CA ARG A 130 9.63 8.19 -1.81
C ARG A 130 8.76 8.22 -3.05
N LEU A 131 9.37 7.93 -4.20
CA LEU A 131 8.61 7.87 -5.44
C LEU A 131 7.57 6.76 -5.43
N GLN A 132 7.92 5.57 -4.92
CA GLN A 132 6.93 4.49 -4.90
C GLN A 132 5.79 4.81 -3.92
N ASP A 133 6.15 5.27 -2.73
CA ASP A 133 5.15 5.56 -1.68
C ASP A 133 4.16 6.63 -2.10
N THR A 134 4.63 7.60 -2.90
CA THR A 134 3.77 8.68 -3.35
C THR A 134 3.18 8.49 -4.76
N GLY A 135 3.63 7.46 -5.47
CA GLY A 135 3.26 7.31 -6.87
C GLY A 135 3.72 8.49 -7.72
N GLY A 136 4.78 9.16 -7.27
CA GLY A 136 5.31 10.31 -7.95
C GLY A 136 4.68 11.63 -7.54
N LEU A 137 3.70 11.57 -6.64
CA LEU A 137 3.06 12.78 -6.13
C LEU A 137 3.91 13.35 -4.98
N ILE A 138 5.09 13.85 -5.33
CA ILE A 138 6.11 14.06 -4.31
C ILE A 138 5.89 15.35 -3.51
N ASP A 139 4.86 16.12 -3.83
CA ASP A 139 4.48 17.26 -2.98
C ASP A 139 3.59 16.83 -1.82
N SER A 140 3.14 15.56 -1.79
CA SER A 140 2.23 15.13 -0.73
C SER A 140 2.86 15.37 0.65
N PRO A 141 2.11 15.96 1.58
CA PRO A 141 2.70 16.43 2.85
C PRO A 141 2.78 15.33 3.91
N SER A 142 3.53 14.28 3.59
CA SER A 142 3.58 13.09 4.42
C SER A 142 4.96 12.90 5.01
N ILE A 143 5.86 13.82 4.67
CA ILE A 143 7.21 13.81 5.24
C ILE A 143 7.61 15.25 5.53
N ASN A 144 8.59 15.41 6.41
CA ASN A 144 8.97 16.78 6.82
C ASN A 144 9.33 17.65 5.63
N LEU A 145 9.01 18.94 5.75
CA LEU A 145 9.21 19.89 4.66
C LEU A 145 10.63 19.89 4.11
N ASP A 146 11.64 19.82 4.99
CA ASP A 146 13.01 19.96 4.51
C ASP A 146 13.42 18.81 3.60
N VAL A 147 13.12 17.60 4.03
CA VAL A 147 13.46 16.43 3.23
CA VAL A 147 13.43 16.40 3.26
C VAL A 147 12.53 16.31 2.02
N ARG A 148 11.28 16.77 2.16
CA ARG A 148 10.35 16.79 1.04
C ARG A 148 10.93 17.61 -0.11
N LYS A 149 11.47 18.77 0.21
CA LYS A 149 12.07 19.62 -0.81
C LYS A 149 13.35 19.02 -1.38
N GLN A 150 14.16 18.36 -0.55
CA GLN A 150 15.40 17.76 -1.05
C GLN A 150 15.10 16.61 -2.01
N TYR A 151 14.09 15.80 -1.70
CA TYR A 151 13.67 14.75 -2.64
C TYR A 151 13.33 15.36 -3.99
N LYS A 152 12.61 16.47 -3.98
CA LYS A 152 12.21 17.11 -5.23
C LYS A 152 13.41 17.59 -6.04
N ARG A 153 14.36 18.22 -5.37
CA ARG A 153 15.59 18.65 -6.04
C ARG A 153 16.34 17.47 -6.67
N ASP A 154 16.49 16.40 -5.89
CA ASP A 154 17.24 15.24 -6.33
C ASP A 154 16.57 14.56 -7.53
N ILE A 155 15.24 14.49 -7.49
CA ILE A 155 14.48 13.82 -8.55
C ILE A 155 14.54 14.62 -9.85
N GLN A 156 14.45 15.94 -9.73
CA GLN A 156 14.58 16.79 -10.91
C GLN A 156 15.97 16.63 -11.51
N ASN A 157 16.98 16.51 -10.67
CA ASN A 157 18.35 16.37 -11.13
C ASN A 157 18.54 15.04 -11.85
N ILE A 158 18.05 13.96 -11.25
CA ILE A 158 18.16 12.66 -11.89
C ILE A 158 17.37 12.59 -13.19
N ASP A 159 16.18 13.18 -13.22
CA ASP A 159 15.39 13.22 -14.46
C ASP A 159 16.21 13.83 -15.61
N ALA A 160 16.94 14.90 -15.31
CA ALA A 160 17.73 15.59 -16.33
C ALA A 160 18.94 14.78 -16.79
N LEU A 161 19.50 13.96 -15.90
CA LEU A 161 20.65 13.11 -16.21
C LEU A 161 20.29 12.05 -17.25
N LEU A 162 19.05 11.57 -17.19
CA LEU A 162 18.64 10.43 -17.99
C LEU A 162 18.07 10.84 -19.33
N HIS A 163 18.92 11.33 -20.22
CA HIS A 163 18.45 11.86 -21.50
C HIS A 163 18.64 10.93 -22.67
N GLN A 164 19.42 9.86 -22.50
CA GLN A 164 19.82 9.07 -23.64
C GLN A 164 19.05 7.75 -23.73
N SER A 165 18.35 7.54 -24.84
CA SER A 165 17.55 6.34 -25.01
C SER A 165 18.40 5.15 -25.40
N ILE A 166 17.86 3.95 -25.18
CA ILE A 166 18.53 2.71 -25.50
C ILE A 166 18.71 2.55 -27.02
N GLY A 167 17.76 3.08 -27.80
CA GLY A 167 17.93 3.12 -29.26
C GLY A 167 17.35 1.96 -30.06
N SER A 168 17.42 2.10 -31.38
CA SER A 168 16.75 1.18 -32.31
C SER A 168 17.54 -0.07 -32.60
N THR A 169 18.84 -0.02 -32.29
CA THR A 169 19.75 -1.14 -32.55
C THR A 169 19.79 -2.13 -31.38
N LEU A 170 19.46 -1.65 -30.19
CA LEU A 170 19.65 -2.47 -28.99
C LEU A 170 18.34 -2.95 -28.36
N TYR A 171 17.26 -2.18 -28.50
CA TYR A 171 16.04 -2.44 -27.74
C TYR A 171 15.46 -3.83 -28.02
N ASN A 172 15.56 -4.30 -29.25
CA ASN A 172 15.02 -5.61 -29.61
C ASN A 172 16.09 -6.69 -29.71
N LYS A 173 17.29 -6.40 -29.23
CA LYS A 173 18.39 -7.37 -29.20
C LYS A 173 18.69 -7.81 -27.77
N ILE A 174 18.14 -7.10 -26.81
CA ILE A 174 18.45 -7.33 -25.41
C ILE A 174 17.20 -7.41 -24.56
N TYR A 175 17.23 -8.26 -23.55
CA TYR A 175 16.21 -8.19 -22.53
C TYR A 175 16.87 -7.60 -21.30
N LEU A 176 16.09 -6.93 -20.46
CA LEU A 176 16.63 -6.53 -19.15
C LEU A 176 15.87 -7.28 -18.08
N TYR A 177 16.51 -7.46 -16.93
CA TYR A 177 16.00 -8.37 -15.89
C TYR A 177 15.82 -7.71 -14.53
N GLU A 178 14.78 -8.10 -13.82
CA GLU A 178 14.58 -7.58 -12.47
C GLU A 178 14.04 -8.69 -11.56
N ASN A 179 14.74 -8.96 -10.46
CA ASN A 179 14.18 -9.86 -9.45
C ASN A 179 13.33 -9.06 -8.48
N MET A 180 12.26 -9.67 -7.98
CA MET A 180 11.32 -8.93 -7.15
C MET A 180 10.65 -9.80 -6.11
N ASN A 181 10.46 -9.21 -4.93
CA ASN A 181 9.70 -9.81 -3.84
C ASN A 181 8.21 -9.67 -4.15
N ILE A 182 7.46 -10.76 -4.14
CA ILE A 182 6.04 -10.65 -4.45
C ILE A 182 5.30 -9.74 -3.46
N ASN A 183 5.83 -9.59 -2.24
CA ASN A 183 5.16 -8.73 -1.26
C ASN A 183 5.11 -7.25 -1.69
N ASN A 184 5.97 -6.88 -2.63
CA ASN A 184 5.94 -5.54 -3.23
C ASN A 184 4.63 -5.30 -4.00
N LEU A 185 4.09 -6.37 -4.58
CA LEU A 185 2.87 -6.31 -5.39
C LEU A 185 1.63 -6.69 -4.58
N THR A 186 1.71 -7.83 -3.89
CA THR A 186 0.58 -8.28 -3.09
C THR A 186 1.09 -9.14 -1.95
N ALA A 187 1.10 -8.58 -0.74
CA ALA A 187 1.52 -9.34 0.43
C ALA A 187 0.45 -10.37 0.81
N THR A 188 -0.79 -10.15 0.35
CA THR A 188 -1.87 -11.09 0.62
C THR A 188 -1.62 -12.42 -0.08
N LEU A 189 -1.23 -12.36 -1.35
CA LEU A 189 -0.87 -13.60 -2.05
C LEU A 189 0.52 -14.06 -1.66
N GLY A 190 1.37 -13.12 -1.26
CA GLY A 190 2.72 -13.46 -0.86
C GLY A 190 2.79 -14.41 0.34
N ALA A 191 1.79 -14.33 1.21
CA ALA A 191 1.73 -15.18 2.39
C ALA A 191 1.71 -16.68 2.02
N ASP A 192 1.15 -16.99 0.86
CA ASP A 192 0.90 -18.37 0.49
C ASP A 192 1.56 -18.80 -0.83
N LEU A 193 2.33 -17.91 -1.45
CA LEU A 193 2.91 -18.17 -2.75
C LEU A 193 3.84 -19.40 -2.79
N VAL A 194 4.69 -19.53 -1.78
CA VAL A 194 5.59 -20.67 -1.72
C VAL A 194 4.89 -21.88 -1.10
N ASP A 195 5.04 -23.04 -1.74
CA ASP A 195 4.42 -24.29 -1.29
C ASP A 195 4.78 -24.54 0.17
N SER A 196 3.76 -24.57 1.03
CA SER A 196 3.98 -24.74 2.46
C SER A 196 4.68 -26.06 2.74
N THR A 197 4.40 -27.05 1.89
CA THR A 197 5.01 -28.36 2.04
C THR A 197 6.44 -28.39 1.47
N ASP A 198 6.73 -27.54 0.50
CA ASP A 198 8.00 -27.65 -0.22
C ASP A 198 8.57 -26.33 -0.73
N ASN A 199 9.66 -25.87 -0.10
CA ASN A 199 10.31 -24.56 -0.25
C ASN A 199 10.44 -24.26 -1.69
N THR A 200 10.88 -25.30 -2.37
CA THR A 200 11.36 -25.22 -3.72
C THR A 200 10.24 -24.98 -4.73
N LYS A 201 9.01 -25.20 -4.32
CA LYS A 201 7.93 -25.12 -5.28
C LYS A 201 7.02 -23.93 -5.02
N ILE A 202 6.37 -23.52 -6.09
CA ILE A 202 5.33 -22.50 -6.08
C ILE A 202 3.94 -23.12 -5.93
N ASN A 203 3.11 -22.54 -5.08
CA ASN A 203 1.71 -22.93 -4.99
C ASN A 203 0.99 -22.49 -6.26
N ARG A 204 0.51 -23.47 -7.04
CA ARG A 204 -0.03 -23.12 -8.35
C ARG A 204 -1.40 -22.45 -8.29
N GLY A 205 -2.17 -22.73 -7.26
CA GLY A 205 -3.42 -22.03 -7.05
C GLY A 205 -3.17 -20.55 -6.83
N ILE A 206 -2.20 -20.27 -5.96
CA ILE A 206 -1.81 -18.88 -5.68
C ILE A 206 -1.19 -18.21 -6.91
N PHE A 207 -0.32 -18.93 -7.61
CA PHE A 207 0.17 -18.49 -8.91
C PHE A 207 -0.95 -18.03 -9.85
N ASN A 208 -2.00 -18.82 -9.97
CA ASN A 208 -3.07 -18.51 -10.90
C ASN A 208 -3.84 -17.27 -10.46
N GLU A 209 -4.02 -17.13 -9.15
CA GLU A 209 -4.66 -15.93 -8.58
C GLU A 209 -3.80 -14.70 -8.83
N PHE A 210 -2.49 -14.85 -8.72
CA PHE A 210 -1.57 -13.74 -9.01
C PHE A 210 -1.66 -13.27 -10.47
N LYS A 211 -1.74 -14.24 -11.37
CA LYS A 211 -1.66 -13.98 -12.80
C LYS A 211 -2.97 -13.44 -13.38
N LYS A 212 -4.09 -13.77 -12.73
CA LYS A 212 -5.42 -13.65 -13.35
C LYS A 212 -5.72 -12.27 -13.92
N ASN A 213 -5.55 -11.24 -13.11
CA ASN A 213 -5.84 -9.88 -13.58
C ASN A 213 -4.60 -9.02 -13.70
N PHE A 214 -3.49 -9.65 -14.05
CA PHE A 214 -2.23 -8.92 -14.19
C PHE A 214 -1.92 -8.67 -15.66
N LYS A 215 -2.34 -7.51 -16.14
CA LYS A 215 -2.19 -7.17 -17.55
C LYS A 215 -1.32 -5.94 -17.78
N TYR A 216 -1.20 -5.06 -16.79
CA TYR A 216 -0.31 -3.91 -16.94
C TYR A 216 0.22 -3.43 -15.61
N SER A 217 1.29 -2.66 -15.70
CA SER A 217 2.15 -2.36 -14.57
C SER A 217 2.69 -0.96 -14.77
N ILE A 218 2.82 -0.18 -13.70
CA ILE A 218 3.44 1.15 -13.79
C ILE A 218 4.68 1.23 -12.90
N SER A 219 5.76 1.83 -13.43
CA SER A 219 6.91 2.18 -12.61
C SER A 219 6.93 3.69 -12.35
N SER A 220 6.67 4.08 -11.12
CA SER A 220 6.72 5.48 -10.74
C SER A 220 8.10 5.86 -10.22
N ASN A 221 8.94 4.87 -9.94
CA ASN A 221 10.30 5.21 -9.52
C ASN A 221 11.30 4.82 -10.60
N TYR A 222 12.58 4.87 -10.26
CA TYR A 222 13.60 4.53 -11.24
C TYR A 222 13.95 3.06 -11.15
N MET A 223 13.54 2.28 -12.15
CA MET A 223 13.84 0.84 -12.09
C MET A 223 15.33 0.59 -12.24
N ILE A 224 15.89 -0.24 -11.37
CA ILE A 224 17.28 -0.63 -11.51
C ILE A 224 17.27 -2.07 -11.98
N VAL A 225 17.78 -2.29 -13.19
CA VAL A 225 17.63 -3.60 -13.83
C VAL A 225 18.99 -4.17 -14.26
N ASP A 226 19.05 -5.48 -14.33
CA ASP A 226 20.26 -6.18 -14.78
C ASP A 226 20.29 -6.41 -16.28
N ILE A 227 21.46 -6.22 -16.87
CA ILE A 227 21.65 -6.51 -18.29
C ILE A 227 21.57 -8.00 -18.52
N ASN A 228 22.09 -8.77 -17.58
CA ASN A 228 22.02 -10.22 -17.62
C ASN A 228 21.36 -10.75 -16.37
N GLU A 229 20.49 -11.75 -16.53
CA GLU A 229 19.71 -12.23 -15.41
C GLU A 229 20.60 -12.75 -14.27
N ARG A 230 20.24 -12.35 -13.05
CA ARG A 230 20.97 -12.76 -11.85
C ARG A 230 20.12 -13.62 -10.94
N PRO A 231 20.79 -14.45 -10.12
CA PRO A 231 20.09 -15.24 -9.11
C PRO A 231 19.33 -14.35 -8.15
N ALA A 232 18.14 -14.79 -7.79
CA ALA A 232 17.29 -14.03 -6.89
C ALA A 232 17.76 -14.24 -5.45
N LEU A 233 17.55 -13.23 -4.62
CA LEU A 233 17.74 -13.38 -3.18
C LEU A 233 16.61 -14.27 -2.64
N ASP A 234 16.75 -14.76 -1.42
CA ASP A 234 15.80 -15.74 -0.90
C ASP A 234 14.34 -15.27 -0.90
N ASN A 235 14.09 -14.00 -0.63
CA ASN A 235 12.72 -13.52 -0.54
C ASN A 235 12.16 -13.05 -1.89
N GLU A 236 12.89 -13.32 -2.96
CA GLU A 236 12.50 -12.89 -4.31
C GLU A 236 12.12 -14.10 -5.16
N ARG A 237 10.83 -14.24 -5.50
CA ARG A 237 10.43 -15.38 -6.30
C ARG A 237 9.86 -14.94 -7.66
N LEU A 238 9.85 -13.63 -7.90
CA LEU A 238 9.45 -13.07 -9.19
C LEU A 238 10.67 -12.71 -10.02
N LYS A 239 10.72 -13.18 -11.26
CA LYS A 239 11.85 -12.86 -12.13
C LYS A 239 11.35 -12.21 -13.41
N TRP A 240 11.42 -10.88 -13.44
CA TRP A 240 10.96 -10.11 -14.58
C TRP A 240 11.94 -10.17 -15.73
N ARG A 241 11.40 -10.32 -16.93
CA ARG A 241 12.16 -10.17 -18.17
C ARG A 241 11.49 -9.06 -18.97
N ILE A 242 12.22 -7.99 -19.24
CA ILE A 242 11.62 -6.75 -19.70
C ILE A 242 12.15 -6.33 -21.07
N GLN A 243 11.26 -6.09 -22.01
CA GLN A 243 11.70 -5.52 -23.27
C GLN A 243 11.50 -4.02 -23.28
N LEU A 244 12.58 -3.25 -23.45
CA LEU A 244 12.48 -1.82 -23.55
C LEU A 244 11.90 -1.35 -24.87
N SER A 245 11.47 -0.09 -24.91
CA SER A 245 11.13 0.59 -26.15
C SER A 245 12.40 1.28 -26.69
N PRO A 246 12.49 1.50 -28.01
CA PRO A 246 13.68 2.23 -28.51
C PRO A 246 13.82 3.61 -27.90
N ASP A 247 12.70 4.18 -27.45
CA ASP A 247 12.67 5.53 -26.89
C ASP A 247 12.87 5.57 -25.37
N THR A 248 12.95 4.40 -24.73
CA THR A 248 13.13 4.38 -23.27
C THR A 248 14.48 4.94 -22.87
N ARG A 249 14.49 5.98 -22.03
CA ARG A 249 15.72 6.57 -21.55
C ARG A 249 16.27 5.82 -20.34
N ALA A 250 17.59 5.79 -20.21
CA ALA A 250 18.23 5.03 -19.16
C ALA A 250 19.66 5.50 -18.99
N GLY A 251 20.31 5.02 -17.93
CA GLY A 251 21.72 5.27 -17.72
C GLY A 251 22.43 3.98 -17.31
N TYR A 252 23.69 3.84 -17.70
CA TYR A 252 24.46 2.67 -17.29
C TYR A 252 24.91 2.80 -15.82
N LEU A 253 24.74 1.73 -15.04
CA LEU A 253 25.28 1.66 -13.69
C LEU A 253 26.32 0.54 -13.60
N GLU A 254 27.33 0.75 -12.77
CA GLU A 254 28.42 -0.21 -12.63
C GLU A 254 27.90 -1.63 -12.36
N ASN A 255 28.65 -2.61 -12.85
CA ASN A 255 28.39 -4.04 -12.63
C ASN A 255 27.21 -4.56 -13.47
N GLY A 256 27.01 -3.96 -14.64
CA GLY A 256 26.12 -4.49 -15.64
C GLY A 256 24.65 -4.21 -15.38
N LYS A 257 24.35 -2.99 -14.98
CA LYS A 257 22.97 -2.59 -14.71
C LYS A 257 22.56 -1.37 -15.50
N LEU A 258 21.26 -1.17 -15.65
CA LEU A 258 20.74 0.10 -16.14
C LEU A 258 19.83 0.68 -15.09
N ILE A 259 19.81 2.00 -15.00
CA ILE A 259 18.77 2.69 -14.28
C ILE A 259 17.81 3.25 -15.32
N LEU A 260 16.53 2.92 -15.21
CA LEU A 260 15.54 3.39 -16.19
C LEU A 260 14.91 4.70 -15.75
N GLN A 261 14.50 5.50 -16.73
CA GLN A 261 13.70 6.69 -16.42
C GLN A 261 12.48 6.29 -15.59
N ARG A 262 12.01 7.21 -14.75
CA ARG A 262 10.76 6.93 -14.02
C ARG A 262 9.55 7.20 -14.93
N ASN A 263 8.36 6.90 -14.43
CA ASN A 263 7.11 7.10 -15.16
C ASN A 263 7.03 6.36 -16.49
N ILE A 264 7.21 5.05 -16.42
CA ILE A 264 6.98 4.25 -17.59
C ILE A 264 5.92 3.22 -17.32
N GLY A 265 5.32 2.78 -18.41
CA GLY A 265 4.30 1.75 -18.37
C GLY A 265 4.86 0.43 -18.85
N LEU A 266 4.24 -0.65 -18.41
CA LEU A 266 4.62 -1.98 -18.85
C LEU A 266 3.39 -2.79 -19.15
N GLU A 267 3.37 -3.45 -20.30
CA GLU A 267 2.31 -4.39 -20.58
C GLU A 267 2.80 -5.78 -20.27
N ILE A 268 2.00 -6.55 -19.55
CA ILE A 268 2.37 -7.92 -19.21
C ILE A 268 2.04 -8.83 -20.37
N LYS A 269 3.06 -9.52 -20.86
CA LYS A 269 2.93 -10.36 -22.05
C LYS A 269 2.71 -11.81 -21.69
N ASP A 270 3.43 -12.29 -20.68
CA ASP A 270 3.36 -13.69 -20.30
C ASP A 270 3.75 -13.87 -18.84
N VAL A 271 3.07 -14.75 -18.13
CA VAL A 271 3.39 -15.07 -16.74
C VAL A 271 3.36 -16.60 -16.59
N GLN A 272 4.51 -17.18 -16.27
CA GLN A 272 4.65 -18.64 -16.22
C GLN A 272 5.59 -19.07 -15.11
N ILE A 273 5.44 -20.31 -14.66
CA ILE A 273 6.39 -20.87 -13.70
C ILE A 273 7.64 -21.33 -14.44
N ILE A 274 8.81 -20.97 -13.91
CA ILE A 274 10.05 -21.47 -14.47
C ILE A 274 10.84 -22.11 -13.35
N LYS A 275 11.82 -22.93 -13.73
CA LYS A 275 12.63 -23.64 -12.75
C LYS A 275 14.10 -23.34 -13.02
N GLN A 276 14.79 -22.86 -11.99
CA GLN A 276 16.22 -22.62 -12.09
C GLN A 276 16.90 -23.30 -10.91
N SER A 277 17.77 -24.27 -11.20
CA SER A 277 18.45 -25.06 -10.19
C SER A 277 17.48 -25.65 -9.17
N GLU A 278 16.52 -26.43 -9.67
CA GLU A 278 15.58 -27.18 -8.83
C GLU A 278 14.61 -26.30 -8.02
N LYS A 279 14.65 -24.98 -8.26
CA LYS A 279 13.82 -24.05 -7.52
C LYS A 279 12.87 -23.31 -8.46
N GLU A 280 11.59 -23.24 -8.10
CA GLU A 280 10.60 -22.62 -8.97
C GLU A 280 10.44 -21.12 -8.71
N TYR A 281 10.29 -20.38 -9.80
CA TYR A 281 10.07 -18.94 -9.81
C TYR A 281 8.91 -18.59 -10.72
N ILE A 282 8.40 -17.38 -10.58
CA ILE A 282 7.45 -16.88 -11.56
C ILE A 282 8.17 -15.96 -12.54
N ARG A 283 8.16 -16.35 -13.81
CA ARG A 283 8.68 -15.47 -14.86
C ARG A 283 7.59 -14.49 -15.28
N ILE A 284 7.94 -13.21 -15.30
CA ILE A 284 7.01 -12.18 -15.78
C ILE A 284 7.65 -11.51 -16.99
N ASP A 285 7.07 -11.77 -18.16
CA ASP A 285 7.50 -11.09 -19.38
C ASP A 285 6.70 -9.83 -19.59
N ALA A 286 7.40 -8.70 -19.73
CA ALA A 286 6.74 -7.42 -19.87
C ALA A 286 7.39 -6.58 -20.96
N LYS A 287 6.62 -5.65 -21.49
CA LYS A 287 7.10 -4.78 -22.57
C LYS A 287 6.81 -3.34 -22.22
N VAL A 288 7.83 -2.49 -22.32
CA VAL A 288 7.66 -1.07 -21.99
C VAL A 288 6.73 -0.38 -23.01
N VAL A 289 5.78 0.39 -22.50
CA VAL A 289 4.86 1.19 -23.32
C VAL A 289 4.72 2.57 -22.67
N PRO A 290 4.18 3.57 -23.41
CA PRO A 290 3.99 4.87 -22.77
C PRO A 290 3.11 4.78 -21.53
N LYS A 291 3.51 5.41 -20.45
CA LYS A 291 2.72 5.42 -19.22
C LYS A 291 1.33 5.99 -19.47
N SER A 292 1.24 6.97 -20.36
CA SER A 292 -0.05 7.59 -20.68
C SER A 292 -1.07 6.58 -21.21
N LYS A 293 -0.61 5.56 -21.93
CA LYS A 293 -1.48 4.51 -22.46
C LYS A 293 -2.14 3.72 -21.32
N ILE A 294 -1.37 3.45 -20.30
CA ILE A 294 -1.87 2.73 -19.14
C ILE A 294 -2.74 3.63 -18.25
N ASP A 295 -2.32 4.88 -18.06
CA ASP A 295 -3.11 5.81 -17.28
C ASP A 295 -4.49 6.00 -17.88
N THR A 296 -4.55 6.01 -19.21
CA THR A 296 -5.83 6.14 -19.89
C THR A 296 -6.73 4.95 -19.58
N LYS A 297 -6.16 3.75 -19.59
CA LYS A 297 -6.93 2.55 -19.25
C LYS A 297 -7.49 2.61 -17.83
N ILE A 298 -6.68 3.09 -16.89
CA ILE A 298 -7.12 3.20 -15.50
C ILE A 298 -8.26 4.21 -15.37
N GLN A 299 -8.12 5.35 -16.03
CA GLN A 299 -9.18 6.37 -15.99
C GLN A 299 -10.48 5.89 -16.63
N GLU A 300 -10.38 5.14 -17.73
CA GLU A 300 -11.57 4.60 -18.37
C GLU A 300 -12.26 3.61 -17.46
N ALA A 301 -11.47 2.78 -16.79
CA ALA A 301 -12.02 1.81 -15.84
C ALA A 301 -12.70 2.50 -14.67
N GLN A 302 -12.12 3.59 -14.21
CA GLN A 302 -12.70 4.33 -13.09
C GLN A 302 -14.07 4.86 -13.49
N LEU A 303 -14.19 5.42 -14.70
CA LEU A 303 -15.51 5.90 -15.11
C LEU A 303 -16.50 4.75 -15.21
N ASN A 304 -16.07 3.64 -15.81
CA ASN A 304 -16.95 2.51 -15.99
C ASN A 304 -17.47 1.94 -14.67
N ILE A 305 -16.59 1.81 -13.68
CA ILE A 305 -17.05 1.21 -12.41
C ILE A 305 -17.98 2.17 -11.67
N ASN A 306 -17.78 3.48 -11.82
CA ASN A 306 -18.72 4.43 -11.23
C ASN A 306 -20.06 4.36 -11.94
N GLN A 307 -20.03 4.23 -13.26
CA GLN A 307 -21.30 4.18 -13.97
C GLN A 307 -22.08 2.95 -13.55
N GLU A 308 -21.39 1.82 -13.39
CA GLU A 308 -22.05 0.58 -12.99
CA GLU A 308 -22.02 0.56 -12.96
C GLU A 308 -22.64 0.69 -11.58
N TRP A 309 -21.86 1.22 -10.65
CA TRP A 309 -22.34 1.26 -9.26
C TRP A 309 -23.33 2.40 -8.99
N ASN A 310 -23.24 3.49 -9.76
CA ASN A 310 -24.27 4.52 -9.65
C ASN A 310 -25.63 3.92 -10.01
N LYS A 311 -25.64 3.08 -11.04
CA LYS A 311 -26.88 2.43 -11.48
C LYS A 311 -27.34 1.41 -10.45
N ALA A 312 -26.40 0.63 -9.92
CA ALA A 312 -26.73 -0.39 -8.92
C ALA A 312 -27.27 0.20 -7.61
N LEU A 313 -26.70 1.30 -7.17
CA LEU A 313 -27.06 1.87 -5.87
C LEU A 313 -28.08 3.00 -5.98
N GLY A 314 -28.50 3.28 -7.21
CA GLY A 314 -29.45 4.34 -7.49
C GLY A 314 -28.91 5.71 -7.14
N LEU A 315 -27.61 5.90 -7.32
CA LEU A 315 -26.98 7.19 -7.12
C LEU A 315 -27.22 8.08 -8.31
N PRO A 316 -27.21 9.40 -8.08
CA PRO A 316 -27.36 10.35 -9.17
C PRO A 316 -26.32 10.12 -10.25
N LYS A 317 -26.76 10.36 -11.47
CA LYS A 317 -25.87 10.43 -12.60
C LYS A 317 -24.72 11.39 -12.27
N TYR A 318 -23.52 11.03 -12.71
CA TYR A 318 -22.29 11.82 -12.54
C TYR A 318 -21.68 11.74 -11.14
N THR A 319 -22.30 10.99 -10.24
CA THR A 319 -21.68 10.76 -8.94
C THR A 319 -20.31 10.15 -9.13
N LYS A 320 -19.33 10.70 -8.41
CA LYS A 320 -17.98 10.17 -8.42
C LYS A 320 -17.70 9.59 -7.04
N LEU A 321 -17.99 8.32 -6.86
CA LEU A 321 -17.75 7.66 -5.57
C LEU A 321 -16.41 6.92 -5.56
N ILE A 322 -16.15 6.18 -6.63
CA ILE A 322 -14.98 5.29 -6.64
C ILE A 322 -13.79 5.97 -7.32
N THR A 323 -12.63 5.92 -6.66
CA THR A 323 -11.41 6.50 -7.21
C THR A 323 -10.34 5.45 -7.31
N PHE A 324 -9.66 5.40 -8.45
CA PHE A 324 -8.47 4.55 -8.58
C PHE A 324 -7.25 5.46 -8.48
N ASN A 325 -6.47 5.33 -7.41
CA ASN A 325 -5.24 6.09 -7.26
C ASN A 325 -4.09 5.10 -7.43
N VAL A 326 -3.70 4.90 -8.69
CA VAL A 326 -2.91 3.72 -9.06
C VAL A 326 -1.66 4.15 -9.80
N HIS A 327 -0.50 3.73 -9.27
CA HIS A 327 0.77 4.25 -9.77
C HIS A 327 1.92 3.25 -9.77
N ASN A 328 1.66 2.02 -9.34
CA ASN A 328 2.77 1.11 -9.10
C ASN A 328 2.64 -0.23 -9.82
N ARG A 329 3.47 -1.20 -9.46
CA ARG A 329 3.78 -2.25 -10.42
C ARG A 329 2.73 -3.36 -10.55
N TYR A 330 1.73 -3.37 -9.66
CA TYR A 330 0.63 -4.35 -9.80
C TYR A 330 -0.65 -3.60 -10.19
N ALA A 331 -0.49 -2.54 -10.97
CA ALA A 331 -1.57 -1.59 -11.30
C ALA A 331 -2.90 -2.22 -11.71
N SER A 332 -2.88 -3.09 -12.73
CA SER A 332 -4.13 -3.64 -13.26
C SER A 332 -4.89 -4.44 -12.20
N ASN A 333 -4.18 -5.05 -11.25
CA ASN A 333 -4.88 -5.81 -10.24
C ASN A 333 -5.60 -4.91 -9.24
N ILE A 334 -5.09 -3.71 -9.01
CA ILE A 334 -5.79 -2.77 -8.13
C ILE A 334 -7.17 -2.51 -8.73
N VAL A 335 -7.16 -2.21 -10.02
CA VAL A 335 -8.38 -1.91 -10.76
C VAL A 335 -9.34 -3.09 -10.77
N GLU A 336 -8.87 -4.24 -11.21
CA GLU A 336 -9.76 -5.39 -11.37
C GLU A 336 -10.27 -5.88 -10.01
N SER A 337 -9.43 -5.84 -8.99
CA SER A 337 -9.86 -6.33 -7.69
C SER A 337 -10.91 -5.42 -7.06
N ALA A 338 -10.92 -4.14 -7.41
CA ALA A 338 -11.96 -3.23 -6.89
C ALA A 338 -13.36 -3.72 -7.26
N TYR A 339 -13.52 -4.20 -8.50
CA TYR A 339 -14.80 -4.76 -8.92
C TYR A 339 -15.19 -5.92 -8.02
N LEU A 340 -14.25 -6.83 -7.81
CA LEU A 340 -14.49 -8.03 -7.02
C LEU A 340 -14.82 -7.68 -5.56
N ILE A 341 -14.07 -6.73 -5.00
CA ILE A 341 -14.27 -6.32 -3.61
C ILE A 341 -15.67 -5.73 -3.42
N LEU A 342 -16.08 -4.85 -4.33
CA LEU A 342 -17.39 -4.22 -4.19
C LEU A 342 -18.49 -5.27 -4.39
N ASN A 343 -18.27 -6.22 -5.29
CA ASN A 343 -19.24 -7.32 -5.43
C ASN A 343 -19.41 -8.10 -4.13
N GLU A 344 -18.30 -8.42 -3.46
CA GLU A 344 -18.37 -9.15 -2.19
C GLU A 344 -19.06 -8.33 -1.10
N TRP A 345 -18.79 -7.03 -1.09
CA TRP A 345 -19.45 -6.08 -0.19
C TRP A 345 -20.95 -6.10 -0.39
N LYS A 346 -21.38 -6.02 -1.65
CA LYS A 346 -22.82 -6.00 -1.92
C LYS A 346 -23.44 -7.35 -1.62
N ASN A 347 -22.69 -8.42 -1.83
CA ASN A 347 -23.25 -9.76 -1.66
C ASN A 347 -23.41 -10.14 -0.18
N ASN A 348 -22.65 -9.49 0.70
CA ASN A 348 -22.63 -9.90 2.11
C ASN A 348 -23.28 -8.95 3.10
N ILE A 349 -23.71 -7.78 2.64
CA ILE A 349 -24.32 -6.80 3.51
C ILE A 349 -25.72 -6.45 2.99
N GLN A 350 -26.66 -6.24 3.92
CA GLN A 350 -28.04 -5.92 3.56
C GLN A 350 -28.13 -4.71 2.63
N SER A 351 -28.93 -4.83 1.58
CA SER A 351 -28.98 -3.79 0.55
C SER A 351 -29.38 -2.42 1.08
N ASP A 352 -30.36 -2.37 1.98
CA ASP A 352 -30.81 -1.08 2.52
C ASP A 352 -29.72 -0.40 3.33
N LEU A 353 -28.92 -1.21 4.02
CA LEU A 353 -27.80 -0.66 4.78
C LEU A 353 -26.80 -0.04 3.83
N ILE A 354 -26.43 -0.79 2.79
CA ILE A 354 -25.46 -0.31 1.81
C ILE A 354 -25.96 0.98 1.14
N LYS A 355 -27.23 1.02 0.76
CA LYS A 355 -27.76 2.22 0.10
C LYS A 355 -27.82 3.44 1.02
N LYS A 356 -28.30 3.27 2.24
CA LYS A 356 -28.42 4.43 3.10
C LYS A 356 -27.07 4.97 3.53
N VAL A 357 -26.13 4.08 3.87
CA VAL A 357 -24.84 4.56 4.33
C VAL A 357 -24.05 5.17 3.17
N THR A 358 -24.10 4.55 2.01
CA THR A 358 -23.39 5.08 0.85
C THR A 358 -23.96 6.45 0.42
N ASN A 359 -25.27 6.61 0.46
CA ASN A 359 -25.85 7.93 0.20
C ASN A 359 -25.37 9.00 1.16
N TYR A 360 -25.21 8.63 2.42
CA TYR A 360 -24.65 9.53 3.43
C TYR A 360 -23.22 9.94 3.09
N LEU A 361 -22.41 8.97 2.67
CA LEU A 361 -21.05 9.27 2.26
C LEU A 361 -21.03 10.22 1.06
N VAL A 362 -21.86 9.91 0.06
CA VAL A 362 -21.92 10.75 -1.14
C VAL A 362 -22.39 12.17 -0.80
N ASP A 363 -23.27 12.31 0.18
CA ASP A 363 -23.75 13.64 0.59
C ASP A 363 -22.64 14.51 1.15
N GLY A 364 -21.55 13.88 1.59
CA GLY A 364 -20.40 14.63 2.09
C GLY A 364 -19.21 14.53 1.15
N ASN A 365 -19.49 14.22 -0.11
CA ASN A 365 -18.49 14.06 -1.17
C ASN A 365 -17.47 12.97 -0.85
N GLY A 366 -17.97 11.90 -0.25
CA GLY A 366 -17.13 10.77 0.10
C GLY A 366 -16.66 9.96 -1.09
N ARG A 367 -15.62 9.17 -0.87
CA ARG A 367 -14.99 8.39 -1.92
C ARG A 367 -14.68 7.00 -1.39
N PHE A 368 -14.73 6.02 -2.29
CA PHE A 368 -14.08 4.74 -2.07
C PHE A 368 -12.78 4.78 -2.86
N VAL A 369 -11.65 4.89 -2.17
CA VAL A 369 -10.35 5.03 -2.83
C VAL A 369 -9.60 3.71 -2.82
N PHE A 370 -9.36 3.14 -4.00
CA PHE A 370 -8.55 1.94 -4.11
C PHE A 370 -7.19 2.36 -4.62
N THR A 371 -6.11 2.00 -3.93
CA THR A 371 -4.82 2.62 -4.24
C THR A 371 -3.64 1.68 -4.02
N ASP A 372 -2.53 1.94 -4.71
CA ASP A 372 -1.28 1.24 -4.40
C ASP A 372 -0.18 2.23 -3.98
N ILE A 373 -0.56 3.42 -3.55
CA ILE A 373 0.39 4.31 -2.88
C ILE A 373 0.04 4.35 -1.38
N THR A 374 0.96 4.78 -0.53
CA THR A 374 0.69 4.66 0.91
C THR A 374 -0.39 5.66 1.35
N LEU A 375 -1.15 5.31 2.38
CA LEU A 375 -2.35 6.08 2.70
C LEU A 375 -2.11 7.51 3.17
N PRO A 376 -0.94 7.80 3.81
CA PRO A 376 -0.73 9.23 4.08
C PRO A 376 -0.59 10.11 2.84
N ASN A 377 -0.40 9.51 1.68
CA ASN A 377 -0.28 10.27 0.45
C ASN A 377 -1.58 10.39 -0.33
N ILE A 378 -2.67 9.99 0.32
CA ILE A 378 -4.02 10.09 -0.25
C ILE A 378 -4.67 11.34 0.32
N ALA A 379 -5.07 12.26 -0.56
CA ALA A 379 -5.60 13.56 -0.11
C ALA A 379 -6.83 13.42 0.79
N GLU A 380 -7.64 12.38 0.56
CA GLU A 380 -8.81 12.17 1.41
C GLU A 380 -8.39 11.96 2.87
N GLN A 381 -7.13 11.55 3.09
CA GLN A 381 -6.59 11.53 4.44
C GLN A 381 -5.82 12.82 4.76
N TYR A 382 -4.84 13.21 3.94
CA TYR A 382 -3.89 14.22 4.42
C TYR A 382 -4.49 15.64 4.44
N THR A 383 -5.53 15.87 3.65
CA THR A 383 -6.24 17.15 3.69
C THR A 383 -6.82 17.42 5.08
N HIS A 384 -7.10 16.35 5.82
CA HIS A 384 -7.70 16.46 7.15
C HIS A 384 -6.79 16.03 8.27
N GLN A 385 -5.52 15.83 7.96
CA GLN A 385 -4.57 15.35 8.95
C GLN A 385 -3.23 15.98 8.65
N ASP A 386 -3.06 17.22 9.12
CA ASP A 386 -1.87 18.02 8.83
C ASP A 386 -0.61 17.47 9.49
N GLU A 387 -0.76 16.96 10.71
CA GLU A 387 0.40 16.46 11.45
C GLU A 387 0.77 15.08 10.97
N ILE A 388 2.02 14.94 10.52
CA ILE A 388 2.51 13.65 10.09
C ILE A 388 2.41 12.60 11.20
N TYR A 389 2.57 13.00 12.46
CA TYR A 389 2.56 11.99 13.51
C TYR A 389 1.16 11.40 13.67
N GLU A 390 0.15 12.09 13.14
CA GLU A 390 -1.24 11.62 13.18
C GLU A 390 -1.66 10.87 11.91
N GLN A 391 -0.85 10.94 10.85
CA GLN A 391 -1.16 10.24 9.61
C GLN A 391 -0.90 8.74 9.79
N VAL A 392 -1.71 7.95 9.11
CA VAL A 392 -1.68 6.50 9.25
C VAL A 392 -1.47 5.83 7.89
N HIS A 393 -0.57 4.85 7.83
CA HIS A 393 -0.58 3.90 6.73
C HIS A 393 -0.97 2.53 7.25
N SER A 394 -1.90 1.89 6.55
CA SER A 394 -2.52 0.68 7.02
C SER A 394 -3.13 -0.03 5.81
N LYS A 395 -3.72 -1.20 6.04
CA LYS A 395 -4.42 -1.90 4.96
C LYS A 395 -5.63 -1.07 4.49
N GLY A 396 -6.27 -0.40 5.42
CA GLY A 396 -7.42 0.41 5.08
C GLY A 396 -7.65 1.49 6.11
N LEU A 397 -8.51 2.45 5.78
CA LEU A 397 -8.81 3.55 6.68
C LEU A 397 -10.17 4.09 6.35
N TYR A 398 -10.87 4.59 7.38
CA TYR A 398 -12.08 5.38 7.18
C TYR A 398 -11.82 6.77 7.75
N VAL A 399 -12.03 7.79 6.93
CA VAL A 399 -11.79 9.18 7.34
C VAL A 399 -13.12 9.92 7.46
N PRO A 400 -13.61 10.10 8.69
CA PRO A 400 -14.95 10.71 8.84
C PRO A 400 -15.03 12.12 8.24
N GLU A 401 -13.95 12.89 8.33
CA GLU A 401 -13.94 14.26 7.83
C GLU A 401 -14.11 14.36 6.31
N SER A 402 -13.74 13.30 5.59
CA SER A 402 -13.96 13.26 4.14
C SER A 402 -14.96 12.19 3.72
N ARG A 403 -15.58 11.52 4.70
CA ARG A 403 -16.49 10.39 4.50
C ARG A 403 -15.95 9.42 3.46
N SER A 404 -14.68 9.08 3.61
CA SER A 404 -14.02 8.24 2.61
C SER A 404 -13.45 6.95 3.22
N ILE A 405 -13.56 5.88 2.44
CA ILE A 405 -12.90 4.62 2.71
C ILE A 405 -11.67 4.49 1.82
N LEU A 406 -10.50 4.24 2.41
CA LEU A 406 -9.27 4.02 1.65
C LEU A 406 -8.87 2.56 1.78
N LEU A 407 -8.46 1.93 0.69
CA LEU A 407 -8.02 0.53 0.75
C LEU A 407 -6.72 0.38 -0.04
N HIS A 408 -5.67 -0.05 0.67
CA HIS A 408 -4.32 -0.19 0.11
C HIS A 408 -4.11 -1.60 -0.42
N GLY A 409 -3.97 -1.71 -1.73
CA GLY A 409 -3.87 -3.03 -2.35
C GLY A 409 -2.69 -3.91 -1.93
N PRO A 410 -1.47 -3.36 -1.94
CA PRO A 410 -0.33 -4.28 -1.76
C PRO A 410 -0.15 -4.86 -0.35
N SER A 411 -0.70 -4.23 0.68
CA SER A 411 -0.44 -4.78 2.00
C SER A 411 -1.44 -5.89 2.35
N LYS A 412 -1.15 -6.63 3.41
CA LYS A 412 -2.06 -7.67 3.86
C LYS A 412 -2.58 -7.33 5.24
N GLY A 413 -3.89 -7.36 5.43
CA GLY A 413 -4.44 -7.18 6.76
C GLY A 413 -4.05 -8.36 7.63
N VAL A 414 -3.50 -8.10 8.81
CA VAL A 414 -2.87 -9.16 9.60
C VAL A 414 -3.81 -10.30 9.96
N GLU A 415 -5.06 -9.99 10.30
CA GLU A 415 -6.03 -11.02 10.66
C GLU A 415 -7.08 -11.24 9.56
N LEU A 416 -6.77 -10.83 8.34
CA LEU A 416 -7.71 -10.97 7.22
C LEU A 416 -7.33 -12.10 6.27
N ARG A 417 -8.33 -12.67 5.62
CA ARG A 417 -8.07 -13.68 4.58
C ARG A 417 -7.84 -13.02 3.23
N ASN A 418 -8.57 -11.94 2.99
CA ASN A 418 -8.56 -11.30 1.68
C ASN A 418 -8.89 -9.82 1.79
N ASP A 419 -8.75 -9.12 0.67
CA ASP A 419 -8.96 -7.69 0.65
C ASP A 419 -10.43 -7.28 0.90
N SER A 420 -11.39 -8.12 0.51
CA SER A 420 -12.80 -7.78 0.69
C SER A 420 -13.13 -7.62 2.17
N GLU A 421 -12.49 -8.45 3.00
CA GLU A 421 -12.73 -8.35 4.44
C GLU A 421 -12.25 -7.02 4.99
N GLY A 422 -11.17 -6.50 4.44
CA GLY A 422 -10.66 -5.20 4.85
C GLY A 422 -11.64 -4.09 4.49
N PHE A 423 -12.20 -4.15 3.30
CA PHE A 423 -13.18 -3.16 2.88
C PHE A 423 -14.39 -3.17 3.81
N ILE A 424 -14.84 -4.37 4.19
CA ILE A 424 -16.02 -4.47 5.04
C ILE A 424 -15.71 -3.93 6.45
N HIS A 425 -14.49 -4.11 6.93
CA HIS A 425 -14.09 -3.47 8.19
C HIS A 425 -14.24 -1.96 8.08
N GLU A 426 -13.74 -1.36 7.00
CA GLU A 426 -13.84 0.09 6.86
C GLU A 426 -15.29 0.54 6.72
N PHE A 427 -16.09 -0.26 6.04
CA PHE A 427 -17.50 0.07 5.92
C PHE A 427 -18.17 0.05 7.28
N GLY A 428 -17.72 -0.84 8.17
CA GLY A 428 -18.19 -0.83 9.55
C GLY A 428 -17.97 0.52 10.23
N HIS A 429 -16.83 1.16 9.95
CA HIS A 429 -16.60 2.50 10.48
C HIS A 429 -17.62 3.52 9.94
N ALA A 430 -17.97 3.38 8.66
CA ALA A 430 -18.96 4.28 8.06
C ALA A 430 -20.34 4.05 8.68
N VAL A 431 -20.64 2.79 9.01
CA VAL A 431 -21.91 2.46 9.68
C VAL A 431 -21.98 3.13 11.05
N ASP A 432 -20.88 3.01 11.80
CA ASP A 432 -20.72 3.65 13.09
C ASP A 432 -20.96 5.17 12.99
N ASP A 433 -20.37 5.78 11.97
CA ASP A 433 -20.54 7.21 11.68
C ASP A 433 -22.03 7.54 11.39
N TYR A 434 -22.64 6.86 10.44
CA TYR A 434 -24.02 7.21 10.05
C TYR A 434 -25.00 6.97 11.20
N ALA A 435 -24.82 5.86 11.92
CA ALA A 435 -25.69 5.57 13.08
C ALA A 435 -25.61 6.70 14.09
N GLY A 436 -24.41 7.22 14.32
CA GLY A 436 -24.22 8.31 15.25
C GLY A 436 -24.82 9.61 14.74
N TYR A 437 -24.70 9.81 13.43
CA TYR A 437 -25.30 10.98 12.77
C TYR A 437 -26.80 11.02 12.98
N LEU A 438 -27.46 9.87 12.81
CA LEU A 438 -28.92 9.81 12.88
C LEU A 438 -29.43 10.14 14.29
N LEU A 439 -28.59 9.92 15.30
CA LEU A 439 -28.97 10.18 16.69
C LEU A 439 -29.01 11.67 17.01
N ASP A 440 -28.13 12.43 16.37
CA ASP A 440 -28.06 13.87 16.54
C ASP A 440 -27.47 14.48 15.28
N LYS A 441 -28.34 14.73 14.30
CA LYS A 441 -27.92 15.18 12.97
C LYS A 441 -27.13 16.49 12.99
N ASN A 442 -27.36 17.34 13.98
CA ASN A 442 -26.73 18.66 13.96
C ASN A 442 -25.37 18.67 14.64
N GLN A 443 -25.17 17.82 15.63
CA GLN A 443 -23.83 17.57 16.14
C GLN A 443 -23.56 16.06 16.02
N SER A 444 -22.76 15.73 15.02
CA SER A 444 -22.64 14.35 14.55
C SER A 444 -21.43 13.62 15.13
N ASP A 445 -21.72 12.65 15.99
CA ASP A 445 -20.70 11.87 16.65
C ASP A 445 -20.80 10.43 16.18
N LEU A 446 -19.82 9.63 16.58
CA LEU A 446 -19.88 8.19 16.32
C LEU A 446 -20.71 7.47 17.37
N VAL A 447 -21.46 6.47 16.96
CA VAL A 447 -22.22 5.73 17.97
C VAL A 447 -21.30 4.93 18.91
N THR A 448 -20.08 4.65 18.48
CA THR A 448 -19.12 3.97 19.35
C THR A 448 -18.60 4.88 20.48
N ASN A 449 -18.96 6.16 20.43
CA ASN A 449 -18.64 7.08 21.54
C ASN A 449 -19.81 7.20 22.53
N SER A 450 -20.87 6.42 22.32
CA SER A 450 -21.99 6.39 23.27
C SER A 450 -21.65 5.63 24.56
N LYS A 451 -22.30 5.99 25.66
CA LYS A 451 -22.08 5.30 26.92
C LYS A 451 -22.36 3.80 26.80
N LYS A 452 -23.44 3.45 26.12
CA LYS A 452 -23.81 2.06 25.98
C LYS A 452 -22.70 1.27 25.32
N PHE A 453 -22.15 1.79 24.23
CA PHE A 453 -21.14 1.00 23.54
C PHE A 453 -19.80 0.99 24.27
N ILE A 454 -19.44 2.10 24.88
CA ILE A 454 -18.21 2.14 25.67
C ILE A 454 -18.23 1.05 26.77
N ASP A 455 -19.36 0.91 27.47
CA ASP A 455 -19.45 -0.12 28.50
C ASP A 455 -19.35 -1.52 27.89
N ILE A 456 -19.98 -1.72 26.73
CA ILE A 456 -19.90 -2.99 26.02
C ILE A 456 -18.48 -3.32 25.59
N PHE A 457 -17.76 -2.33 25.07
CA PHE A 457 -16.37 -2.51 24.69
C PHE A 457 -15.51 -2.87 25.88
N LYS A 458 -15.72 -2.21 27.01
CA LYS A 458 -14.89 -2.48 28.18
C LYS A 458 -15.16 -3.89 28.72
N GLU A 459 -16.37 -4.40 28.51
CA GLU A 459 -16.75 -5.75 28.93
C GLU A 459 -16.29 -6.83 27.95
N GLU A 460 -16.62 -6.67 26.67
CA GLU A 460 -16.43 -7.72 25.67
C GLU A 460 -15.27 -7.50 24.71
N GLY A 461 -14.55 -6.38 24.84
CA GLY A 461 -13.59 -5.94 23.85
C GLY A 461 -12.39 -6.84 23.57
N SER A 462 -12.15 -7.80 24.46
CA SER A 462 -11.07 -8.76 24.25
C SER A 462 -11.57 -10.09 23.68
N ASN A 463 -12.85 -10.17 23.35
CA ASN A 463 -13.45 -11.48 23.05
C ASN A 463 -13.46 -11.86 21.57
N LEU A 464 -13.02 -10.96 20.70
CA LEU A 464 -12.99 -11.25 19.27
C LEU A 464 -11.54 -11.20 18.79
N THR A 465 -11.23 -10.39 17.79
CA THR A 465 -9.87 -10.37 17.25
C THR A 465 -8.89 -9.58 18.12
N SER A 466 -7.60 -9.82 17.93
CA SER A 466 -6.59 -9.12 18.69
C SER A 466 -6.64 -7.62 18.38
N TYR A 467 -6.82 -7.28 17.10
CA TYR A 467 -6.86 -5.88 16.70
C TYR A 467 -8.11 -5.18 17.24
N GLY A 468 -9.18 -5.93 17.42
CA GLY A 468 -10.43 -5.36 17.93
C GLY A 468 -10.31 -4.82 19.34
N ARG A 469 -9.27 -5.24 20.06
CA ARG A 469 -9.01 -4.70 21.41
C ARG A 469 -8.57 -3.25 21.42
N THR A 470 -8.15 -2.73 20.27
CA THR A 470 -7.49 -1.43 20.20
C THR A 470 -8.30 -0.29 20.81
N ASN A 471 -9.56 -0.19 20.41
CA ASN A 471 -10.47 0.81 20.96
C ASN A 471 -11.89 0.54 20.50
N GLU A 472 -12.83 1.36 20.96
CA GLU A 472 -14.24 1.17 20.66
C GLU A 472 -14.54 1.10 19.16
N ALA A 473 -13.96 2.03 18.39
CA ALA A 473 -14.24 2.10 16.98
C ALA A 473 -13.75 0.85 16.27
N GLU A 474 -12.56 0.38 16.63
CA GLU A 474 -12.04 -0.81 15.95
C GLU A 474 -12.76 -2.06 16.39
N PHE A 475 -13.24 -2.10 17.63
CA PHE A 475 -13.99 -3.25 18.09
C PHE A 475 -15.30 -3.37 17.33
N PHE A 476 -15.99 -2.26 17.16
CA PHE A 476 -17.22 -2.22 16.37
C PHE A 476 -16.98 -2.71 14.94
N ALA A 477 -15.92 -2.18 14.32
CA ALA A 477 -15.64 -2.48 12.92
C ALA A 477 -15.26 -3.93 12.74
N GLU A 478 -14.49 -4.47 13.69
CA GLU A 478 -14.11 -5.87 13.61
C GLU A 478 -15.29 -6.79 13.87
N ALA A 479 -16.12 -6.45 14.85
CA ALA A 479 -17.33 -7.25 15.06
C ALA A 479 -18.22 -7.19 13.83
N PHE A 480 -18.38 -6.00 13.26
CA PHE A 480 -19.19 -5.83 12.06
C PHE A 480 -18.65 -6.68 10.91
N ARG A 481 -17.34 -6.64 10.70
CA ARG A 481 -16.71 -7.45 9.63
C ARG A 481 -17.00 -8.95 9.83
N LEU A 482 -16.75 -9.44 11.04
CA LEU A 482 -16.98 -10.85 11.34
C LEU A 482 -18.46 -11.25 11.21
N MET A 483 -19.35 -10.30 11.54
CA MET A 483 -20.78 -10.56 11.43
C MET A 483 -21.24 -10.66 9.98
N HIS A 484 -20.40 -10.23 9.05
CA HIS A 484 -20.74 -10.31 7.64
C HIS A 484 -19.73 -11.16 6.85
N SER A 485 -19.06 -12.07 7.55
CA SER A 485 -18.13 -13.01 6.95
C SER A 485 -18.85 -13.96 5.99
N THR A 486 -18.12 -14.50 5.02
CA THR A 486 -18.68 -15.56 4.19
C THR A 486 -18.72 -16.87 4.97
N ASP A 487 -17.96 -16.91 6.07
CA ASP A 487 -17.93 -18.05 6.97
C ASP A 487 -19.00 -17.87 8.05
N HIS A 488 -20.11 -18.60 7.93
CA HIS A 488 -21.20 -18.48 8.89
C HIS A 488 -20.74 -18.82 10.30
N ALA A 489 -19.69 -19.63 10.41
CA ALA A 489 -19.11 -19.96 11.70
C ALA A 489 -18.57 -18.71 12.38
N GLU A 490 -18.06 -17.77 11.59
CA GLU A 490 -17.52 -16.53 12.13
C GLU A 490 -18.62 -15.62 12.68
N ARG A 491 -19.78 -15.59 12.01
CA ARG A 491 -20.88 -14.79 12.52
C ARG A 491 -21.35 -15.39 13.85
N LEU A 492 -21.42 -16.72 13.90
CA LEU A 492 -21.82 -17.42 15.10
C LEU A 492 -20.91 -17.12 16.27
N LYS A 493 -19.60 -17.11 16.00
CA LYS A 493 -18.58 -16.82 17.00
C LYS A 493 -18.79 -15.45 17.66
N VAL A 494 -19.19 -14.46 16.88
CA VAL A 494 -19.48 -13.14 17.44
C VAL A 494 -20.68 -13.21 18.37
N GLN A 495 -21.74 -13.87 17.93
CA GLN A 495 -22.95 -13.97 18.74
C GLN A 495 -22.67 -14.69 20.05
N LYS A 496 -21.83 -15.71 20.01
CA LYS A 496 -21.51 -16.50 21.20
C LYS A 496 -20.58 -15.76 22.15
N ASN A 497 -19.52 -15.19 21.60
CA ASN A 497 -18.44 -14.66 22.45
C ASN A 497 -18.59 -13.18 22.76
N ALA A 498 -19.34 -12.45 21.94
CA ALA A 498 -19.63 -11.05 22.23
C ALA A 498 -21.10 -10.75 22.02
N PRO A 499 -21.98 -11.36 22.84
CA PRO A 499 -23.42 -11.24 22.58
C PRO A 499 -23.98 -9.81 22.69
N LYS A 500 -23.46 -9.00 23.61
CA LYS A 500 -23.95 -7.63 23.74
C LYS A 500 -23.59 -6.82 22.52
N THR A 501 -22.41 -7.11 21.99
CA THR A 501 -21.88 -6.41 20.82
C THR A 501 -22.71 -6.78 19.58
N PHE A 502 -22.91 -8.09 19.43
CA PHE A 502 -23.76 -8.65 18.38
C PHE A 502 -25.13 -7.95 18.35
N GLN A 503 -25.79 -7.92 19.50
CA GLN A 503 -27.07 -7.26 19.62
C GLN A 503 -27.01 -5.76 19.31
N PHE A 504 -26.00 -5.07 19.85
CA PHE A 504 -25.83 -3.65 19.63
C PHE A 504 -25.73 -3.33 18.14
N ILE A 505 -24.91 -4.10 17.44
CA ILE A 505 -24.65 -3.82 16.03
C ILE A 505 -25.91 -4.10 15.22
N ASN A 506 -26.59 -5.22 15.48
CA ASN A 506 -27.85 -5.48 14.81
C ASN A 506 -28.90 -4.40 15.09
N ASP A 507 -28.90 -3.84 16.29
CA ASP A 507 -29.80 -2.75 16.62
C ASP A 507 -29.48 -1.49 15.77
N GLN A 508 -28.20 -1.21 15.57
CA GLN A 508 -27.82 -0.06 14.77
C GLN A 508 -28.20 -0.26 13.30
N ILE A 509 -28.05 -1.49 12.81
CA ILE A 509 -28.36 -1.79 11.42
C ILE A 509 -29.87 -1.62 11.21
N LYS A 510 -30.66 -2.14 12.16
CA LYS A 510 -32.11 -1.98 12.08
C LYS A 510 -32.51 -0.50 12.15
N PHE A 511 -31.83 0.24 13.02
CA PHE A 511 -32.07 1.65 13.22
C PHE A 511 -31.85 2.43 11.92
N ILE A 512 -30.74 2.16 11.25
CA ILE A 512 -30.42 2.80 9.99
C ILE A 512 -31.40 2.40 8.88
N ILE A 513 -31.69 1.11 8.75
CA ILE A 513 -32.56 0.59 7.71
C ILE A 513 -34.00 1.09 7.85
N ASN A 514 -34.43 1.30 9.10
CA ASN A 514 -35.79 1.80 9.35
C ASN A 514 -35.88 3.32 9.35
N SER A 515 -34.79 4.00 9.02
CA SER A 515 -34.81 5.46 8.97
C SER A 515 -35.38 5.97 7.65
ZN ZN B . -10.48 0.36 11.57
OAG GM6 C . -9.88 1.25 9.80
NAF GM6 C . -8.56 0.88 9.58
CAD GM6 C . -7.92 0.20 10.52
OAE GM6 C . -8.43 -0.08 11.60
CAC GM6 C . -6.50 -0.23 10.23
CAC GM6 C . -6.52 -0.26 10.20
CAB GM6 C . -6.42 -1.76 10.12
CAB GM6 C . -6.52 -1.78 10.11
CAK GM6 C . -5.02 -2.10 9.67
CAK GM6 C . -5.10 -2.26 9.92
OAL GM6 C . -4.71 -1.98 8.51
OAL GM6 C . -4.48 -1.96 8.92
NAM GM6 C . -4.16 -2.53 10.59
NAM GM6 C . -4.64 -2.99 10.93
CAN GM6 C . -2.77 -2.81 10.25
CAN GM6 C . -3.37 -3.69 11.01
CAY GM6 C . -2.64 -4.11 9.51
CAY GM6 C . -2.94 -4.23 9.68
OAZ GM6 C . -3.53 -4.94 9.54
OAZ GM6 C . -3.42 -5.29 9.29
NBB GM6 C . -1.50 -4.33 8.85
NBB GM6 C . -2.07 -3.51 8.99
CBA GM6 C . -1.15 -3.63 7.62
CBA GM6 C . -1.49 -3.92 7.72
CAO GM6 C . -1.89 -2.92 11.49
CAO GM6 C . -3.60 -4.83 11.99
CAP GM6 C . -2.20 -1.82 12.49
CAP GM6 C . -2.32 -5.30 12.66
CAT GM6 C . -2.73 -2.00 13.76
CAT GM6 C . -1.02 -4.82 12.53
NAU GM6 C . -2.87 -0.81 14.40
NAU GM6 C . -0.16 -5.52 13.32
CAR GM6 C . -2.47 0.22 13.64
CAR GM6 C . -0.79 -6.48 14.01
CAV GM6 C . -2.40 1.59 13.80
CAV GM6 C . -0.42 -7.46 14.92
CAX GM6 C . -1.90 2.37 12.75
CAX GM6 C . -1.39 -8.31 15.45
CAW GM6 C . -1.47 1.80 11.56
CAW GM6 C . -2.74 -8.22 15.09
CAS GM6 C . -1.51 0.43 11.33
CAS GM6 C . -3.17 -7.26 14.17
CAQ GM6 C . -2.00 -0.36 12.35
CAQ GM6 C . -2.22 -6.40 13.64
CAA GM6 C . -7.47 -2.17 9.08
CAA GM6 C . -7.39 -2.21 8.93
CAH GM6 C . -7.64 -3.68 8.89
CAH GM6 C . -7.45 -3.73 8.75
CAJ GM6 C . -8.41 -4.30 10.04
CAJ GM6 C . -7.79 -4.43 10.06
CAI GM6 C . -8.39 -3.94 7.58
CAI GM6 C . -8.46 -4.09 7.67
C1 GOL D . -10.40 -3.58 25.34
O1 GOL D . -9.60 -4.68 24.99
C2 GOL D . -11.28 -3.88 26.55
O2 GOL D . -11.18 -2.72 27.39
C3 GOL D . -10.66 -5.06 27.29
O3 GOL D . -11.57 -6.13 27.48
C1 GOL E . -12.04 5.03 11.38
O1 GOL E . -12.02 6.42 11.50
C2 GOL E . -10.89 4.49 12.21
O2 GOL E . -10.75 5.30 13.37
C3 GOL E . -9.66 4.55 11.33
O3 GOL E . -10.00 4.01 10.06
C1 EDO F . 19.97 14.59 1.95
O1 EDO F . 20.67 15.54 1.13
C2 EDO F . 20.70 14.45 3.28
O2 EDO F . 20.08 13.39 4.03
C1 EDO G . -18.28 16.13 9.53
O1 EDO G . -19.00 16.08 10.76
C2 EDO G . -18.96 15.23 8.49
O2 EDO G . -18.02 14.92 7.44
#